data_7B3M
#
_entry.id   7B3M
#
_cell.length_a   57.685
_cell.length_b   71.916
_cell.length_c   157.715
_cell.angle_alpha   90.000
_cell.angle_beta   90.000
_cell.angle_gamma   90.000
#
_symmetry.space_group_name_H-M   'P 21 21 21'
#
loop_
_entity.id
_entity.type
_entity.pdbx_description
1 polymer 'Dual specificity mitogen-activated protein kinase kinase 1,Dual specificity mitogen-activated protein kinase kinase 1'
2 non-polymer 'MAGNESIUM ION'
3 non-polymer 'PHOSPHOAMINOPHOSPHONIC ACID-ADENYLATE ESTER'
4 non-polymer 1~{H}-indol-2-yl(pyridin-3-yl)methanone
5 non-polymer 'SULFATE ION'
6 water water
#
_entity_poly.entity_id   1
_entity_poly.type   'polypeptide(L)'
_entity_poly.pdbx_seq_one_letter_code
;MAHHHHHHAAAENLYFQLEELELDEQQRKRLEAFLTQKQKVGELKDDDFEKISELGAGNGGVVFKVSHKPSGLVMARKLI
HLEIKPAIRNQIIRELQVLHECNSPYIVGFYGAFYSDGEISICMEHMDGGSLDQVLKKAGRIPEQILGKVSIAVIKGLTY
LREKHKIMHRDVKPSNILVNSRGEIKLCDFGVSGQLIDSMANSFVGTRSYMSPERLQGTHYSVQSDIWSMGLSLVEMAVG
RYPIGSGSGSMAIFELLDYIVNEPPPKLPSGVFSLEFQDFVNKCLIKNPAERADLKQLMVHAFIKRSDAEEVDFAGWLCS
TIGLNQ
;
_entity_poly.pdbx_strand_id   A,B
#
# COMPACT_ATOMS: atom_id res chain seq x y z
N LEU A 14 -1.72 22.70 36.20
CA LEU A 14 -0.69 22.41 35.18
C LEU A 14 0.39 23.49 35.11
N TYR A 15 1.65 23.04 34.97
CA TYR A 15 2.86 23.87 34.95
C TYR A 15 3.42 23.96 33.53
N PHE A 16 2.66 24.63 32.65
CA PHE A 16 2.96 24.84 31.23
C PHE A 16 4.34 25.45 30.95
N GLN A 17 5.04 24.92 29.94
CA GLN A 17 6.38 25.32 29.50
C GLN A 17 6.30 25.72 28.00
N LEU A 18 5.33 26.60 27.75
CA LEU A 18 4.84 27.19 26.50
C LEU A 18 5.67 28.32 25.87
N GLU A 19 6.43 29.11 26.68
CA GLU A 19 7.15 30.34 26.28
C GLU A 19 7.96 30.22 24.98
N GLU A 20 8.58 29.04 24.70
CA GLU A 20 9.37 28.74 23.48
C GLU A 20 8.57 29.01 22.19
N LEU A 21 7.23 28.88 22.26
CA LEU A 21 6.33 29.15 21.15
C LEU A 21 5.74 30.56 21.34
N GLU A 22 5.82 31.40 20.29
CA GLU A 22 5.23 32.75 20.32
C GLU A 22 3.80 32.49 19.81
N LEU A 23 2.85 32.44 20.78
CA LEU A 23 1.45 32.09 20.53
C LEU A 23 0.51 33.22 20.79
N ASP A 24 -0.54 33.35 19.95
CA ASP A 24 -1.57 34.34 20.24
C ASP A 24 -2.42 33.75 21.40
N GLU A 25 -3.23 34.56 22.08
CA GLU A 25 -3.99 34.09 23.25
C GLU A 25 -4.99 32.98 22.94
N GLN A 26 -5.56 32.97 21.73
CA GLN A 26 -6.50 31.94 21.27
C GLN A 26 -5.76 30.60 21.11
N GLN A 27 -4.55 30.63 20.50
CA GLN A 27 -3.68 29.47 20.31
C GLN A 27 -3.19 28.92 21.65
N ARG A 28 -2.85 29.82 22.59
CA ARG A 28 -2.42 29.45 23.93
C ARG A 28 -3.56 28.72 24.69
N LYS A 29 -4.79 29.27 24.65
CA LYS A 29 -5.95 28.69 25.28
C LYS A 29 -6.25 27.28 24.71
N ARG A 30 -6.22 27.15 23.36
CA ARG A 30 -6.52 25.89 22.68
C ARG A 30 -5.50 24.78 23.00
N LEU A 31 -4.19 25.11 22.89
CA LEU A 31 -3.10 24.18 23.22
C LEU A 31 -3.17 23.76 24.69
N GLU A 32 -3.50 24.69 25.59
CA GLU A 32 -3.65 24.40 27.02
C GLU A 32 -4.83 23.50 27.26
N ALA A 33 -5.98 23.71 26.55
CA ALA A 33 -7.16 22.85 26.68
C ALA A 33 -6.88 21.42 26.18
N PHE A 34 -6.07 21.25 25.10
CA PHE A 34 -5.71 19.90 24.61
C PHE A 34 -4.85 19.17 25.61
N LEU A 35 -3.81 19.86 26.16
CA LEU A 35 -2.89 19.28 27.14
C LEU A 35 -3.57 18.92 28.46
N THR A 36 -4.60 19.70 28.86
CA THR A 36 -5.39 19.47 30.08
C THR A 36 -6.23 18.18 29.89
N GLN A 37 -6.88 18.04 28.71
CA GLN A 37 -7.68 16.88 28.30
C GLN A 37 -6.78 15.65 28.27
N LYS A 38 -5.55 15.81 27.76
CA LYS A 38 -4.55 14.75 27.64
C LYS A 38 -4.15 14.18 29.01
N GLN A 39 -4.27 14.97 30.09
CA GLN A 39 -3.95 14.53 31.45
C GLN A 39 -4.92 13.44 31.98
N LYS A 40 -6.10 13.27 31.34
CA LYS A 40 -7.09 12.25 31.73
C LYS A 40 -6.62 10.88 31.22
N VAL A 41 -5.67 10.90 30.28
CA VAL A 41 -5.19 9.72 29.59
C VAL A 41 -3.85 9.20 30.11
N GLY A 42 -3.84 7.93 30.48
CA GLY A 42 -2.64 7.24 30.89
C GLY A 42 -2.19 6.26 29.83
N GLU A 43 -1.89 5.02 30.26
CA GLU A 43 -1.45 3.94 29.39
C GLU A 43 -2.59 3.54 28.47
N LEU A 44 -2.29 3.41 27.17
CA LEU A 44 -3.30 3.02 26.19
C LEU A 44 -3.29 1.50 25.96
N LYS A 45 -4.50 0.88 25.97
CA LYS A 45 -4.73 -0.55 25.82
C LYS A 45 -5.81 -0.76 24.79
N ASP A 46 -5.67 -1.79 23.96
CA ASP A 46 -6.65 -2.12 22.93
C ASP A 46 -8.08 -2.26 23.48
N ASP A 47 -8.23 -2.91 24.66
CA ASP A 47 -9.45 -3.20 25.44
C ASP A 47 -10.23 -1.94 25.90
N ASP A 48 -9.56 -0.79 26.01
CA ASP A 48 -10.15 0.47 26.47
C ASP A 48 -10.75 1.33 25.35
N PHE A 49 -10.73 0.83 24.10
CA PHE A 49 -11.30 1.52 22.92
C PHE A 49 -12.60 0.90 22.41
N GLU A 50 -13.50 1.76 21.96
CA GLU A 50 -14.76 1.38 21.35
C GLU A 50 -14.85 2.12 20.01
N LYS A 51 -14.90 1.36 18.90
CA LYS A 51 -14.97 1.90 17.54
C LYS A 51 -16.31 2.60 17.32
N ILE A 52 -16.27 3.87 16.93
CA ILE A 52 -17.49 4.63 16.64
C ILE A 52 -17.79 4.48 15.14
N SER A 53 -16.82 4.84 14.29
CA SER A 53 -16.92 4.82 12.83
C SER A 53 -15.52 4.85 12.21
N GLU A 54 -15.45 4.63 10.88
CA GLU A 54 -14.19 4.72 10.17
C GLU A 54 -14.07 6.10 9.57
N LEU A 55 -13.00 6.81 9.94
CA LEU A 55 -12.73 8.15 9.45
C LEU A 55 -12.17 8.12 8.03
N GLY A 56 -11.37 7.10 7.74
CA GLY A 56 -10.73 6.89 6.45
C GLY A 56 -9.62 5.86 6.49
N ALA A 57 -8.97 5.64 5.34
CA ALA A 57 -7.88 4.68 5.20
C ALA A 57 -6.90 5.12 4.11
N GLY A 58 -5.66 4.65 4.22
CA GLY A 58 -4.61 4.93 3.27
C GLY A 58 -3.90 3.65 2.90
N ASN A 59 -2.66 3.77 2.42
CA ASN A 59 -1.86 2.62 2.02
C ASN A 59 -1.36 1.82 3.24
N GLY A 60 -0.72 2.49 4.19
CA GLY A 60 -0.15 1.89 5.39
C GLY A 60 -1.13 1.49 6.48
N GLY A 61 -2.21 2.24 6.65
CA GLY A 61 -3.21 1.97 7.68
C GLY A 61 -4.62 2.48 7.45
N VAL A 62 -5.44 2.33 8.51
CA VAL A 62 -6.85 2.71 8.64
C VAL A 62 -7.01 3.57 9.89
N VAL A 63 -7.80 4.65 9.81
CA VAL A 63 -8.01 5.47 11.02
C VAL A 63 -9.51 5.47 11.37
N PHE A 64 -9.77 5.12 12.64
CA PHE A 64 -11.10 5.02 13.20
C PHE A 64 -11.38 6.11 14.21
N LYS A 65 -12.61 6.63 14.20
CA LYS A 65 -13.07 7.55 15.24
C LYS A 65 -13.46 6.56 16.36
N VAL A 66 -12.80 6.68 17.51
CA VAL A 66 -12.99 5.79 18.65
C VAL A 66 -13.31 6.58 19.90
N SER A 67 -13.86 5.87 20.88
CA SER A 67 -14.12 6.42 22.19
C SER A 67 -13.13 5.75 23.14
N HIS A 68 -12.33 6.57 23.84
CA HIS A 68 -11.41 6.03 24.85
C HIS A 68 -12.26 5.95 26.12
N LYS A 69 -12.77 4.74 26.41
CA LYS A 69 -13.68 4.47 27.52
C LYS A 69 -13.18 4.94 28.92
N PRO A 70 -11.90 4.77 29.36
CA PRO A 70 -11.54 5.26 30.71
C PRO A 70 -11.59 6.78 30.89
N SER A 71 -11.33 7.56 29.82
CA SER A 71 -11.31 9.02 29.91
C SER A 71 -12.58 9.70 29.38
N GLY A 72 -13.31 9.02 28.50
CA GLY A 72 -14.51 9.51 27.86
C GLY A 72 -14.22 10.25 26.57
N LEU A 73 -12.92 10.51 26.34
CA LEU A 73 -12.40 11.22 25.17
C LEU A 73 -12.64 10.52 23.84
N VAL A 74 -13.08 11.29 22.86
CA VAL A 74 -13.25 10.84 21.48
C VAL A 74 -11.88 11.07 20.85
N MET A 75 -11.34 10.06 20.18
CA MET A 75 -10.01 10.11 19.57
C MET A 75 -10.04 9.60 18.14
N ALA A 76 -8.96 9.84 17.40
CA ALA A 76 -8.78 9.25 16.07
C ALA A 76 -7.66 8.23 16.25
N ARG A 77 -7.98 6.95 16.11
CA ARG A 77 -7.03 5.86 16.23
C ARG A 77 -6.56 5.37 14.88
N LYS A 78 -5.28 5.61 14.56
CA LYS A 78 -4.73 5.09 13.31
C LYS A 78 -4.10 3.71 13.63
N LEU A 79 -4.47 2.67 12.88
CA LEU A 79 -3.92 1.33 13.05
C LEU A 79 -3.09 0.96 11.84
N ILE A 80 -1.81 0.63 12.07
CA ILE A 80 -0.82 0.27 11.06
C ILE A 80 -0.42 -1.17 11.32
N HIS A 81 -0.77 -2.04 10.39
CA HIS A 81 -0.48 -3.45 10.48
C HIS A 81 1.01 -3.72 10.26
N LEU A 82 1.65 -4.25 11.30
CA LEU A 82 3.06 -4.59 11.28
C LEU A 82 3.33 -5.76 12.20
N GLU A 83 3.37 -6.96 11.63
CA GLU A 83 3.68 -8.15 12.40
C GLU A 83 5.14 -8.51 12.03
N ILE A 84 6.08 -7.86 12.76
CA ILE A 84 7.53 -7.90 12.54
C ILE A 84 8.28 -8.41 13.80
N LYS A 85 9.65 -8.31 13.83
CA LYS A 85 10.44 -8.74 15.00
C LYS A 85 10.07 -7.86 16.19
N PRO A 86 9.76 -8.46 17.36
CA PRO A 86 9.33 -7.64 18.52
C PRO A 86 10.32 -6.54 18.93
N ALA A 87 11.62 -6.81 18.79
CA ALA A 87 12.66 -5.85 19.13
C ALA A 87 12.56 -4.61 18.24
N ILE A 88 12.24 -4.78 16.96
CA ILE A 88 12.16 -3.64 16.05
C ILE A 88 10.80 -2.93 16.20
N ARG A 89 9.67 -3.65 16.47
CA ARG A 89 8.42 -2.91 16.68
C ARG A 89 8.48 -2.11 17.97
N ASN A 90 9.20 -2.58 18.99
CA ASN A 90 9.39 -1.84 20.24
C ASN A 90 10.25 -0.59 20.02
N GLN A 91 11.25 -0.64 19.10
CA GLN A 91 12.05 0.54 18.70
C GLN A 91 11.12 1.57 18.05
N ILE A 92 10.21 1.10 17.18
CA ILE A 92 9.22 1.97 16.54
C ILE A 92 8.38 2.66 17.62
N ILE A 93 7.74 1.89 18.54
CA ILE A 93 6.85 2.39 19.62
C ILE A 93 7.57 3.41 20.46
N ARG A 94 8.84 3.15 20.76
CA ARG A 94 9.75 4.04 21.48
C ARG A 94 9.97 5.34 20.68
N GLU A 95 10.29 5.26 19.35
CA GLU A 95 10.48 6.44 18.49
C GLU A 95 9.23 7.33 18.40
N LEU A 96 8.04 6.70 18.48
CA LEU A 96 6.75 7.39 18.47
C LEU A 96 6.44 8.17 19.75
N GLN A 97 7.16 7.92 20.88
CA GLN A 97 6.93 8.63 22.15
C GLN A 97 7.37 10.11 22.09
N VAL A 98 8.23 10.47 21.10
CA VAL A 98 8.72 11.85 20.85
C VAL A 98 7.52 12.73 20.46
N LEU A 99 6.44 12.09 19.97
CA LEU A 99 5.22 12.80 19.60
C LEU A 99 4.58 13.51 20.80
N HIS A 100 4.84 13.02 22.03
CA HIS A 100 4.37 13.63 23.28
C HIS A 100 4.93 15.05 23.48
N GLU A 101 6.10 15.33 22.87
CA GLU A 101 6.83 16.59 22.92
C GLU A 101 6.47 17.52 21.76
N CYS A 102 5.73 17.02 20.75
CA CYS A 102 5.36 17.78 19.57
C CYS A 102 4.09 18.58 19.79
N ASN A 103 4.23 19.67 20.58
CA ASN A 103 3.15 20.58 20.92
C ASN A 103 3.24 21.84 20.09
N SER A 104 2.31 22.01 19.14
CA SER A 104 2.25 23.17 18.25
C SER A 104 0.85 23.35 17.74
N PRO A 105 0.38 24.60 17.54
CA PRO A 105 -0.99 24.77 17.01
C PRO A 105 -1.14 24.22 15.58
N TYR A 106 -0.03 23.97 14.88
CA TYR A 106 0.01 23.49 13.51
C TYR A 106 0.35 22.00 13.39
N ILE A 107 0.29 21.26 14.50
CA ILE A 107 0.56 19.82 14.60
C ILE A 107 -0.61 19.17 15.35
N VAL A 108 -1.20 18.10 14.79
CA VAL A 108 -2.34 17.40 15.41
C VAL A 108 -1.94 16.87 16.78
N GLY A 109 -2.80 17.06 17.77
CA GLY A 109 -2.55 16.57 19.13
C GLY A 109 -2.38 15.08 19.16
N PHE A 110 -1.54 14.60 20.07
CA PHE A 110 -1.20 13.19 20.21
C PHE A 110 -1.50 12.71 21.63
N TYR A 111 -2.24 11.59 21.77
CA TYR A 111 -2.57 11.03 23.07
C TYR A 111 -1.63 9.92 23.47
N GLY A 112 -1.20 9.11 22.50
CA GLY A 112 -0.30 7.98 22.75
C GLY A 112 -0.21 6.98 21.60
N ALA A 113 0.78 6.08 21.68
CA ALA A 113 1.07 5.02 20.70
C ALA A 113 1.47 3.75 21.43
N PHE A 114 0.97 2.59 20.93
CA PHE A 114 1.18 1.27 21.48
C PHE A 114 0.96 0.21 20.41
N TYR A 115 1.42 -1.02 20.69
CA TYR A 115 1.29 -2.20 19.84
C TYR A 115 0.34 -3.21 20.48
N SER A 116 -0.47 -3.87 19.63
CA SER A 116 -1.39 -4.95 20.04
C SER A 116 -1.81 -5.75 18.83
N ASP A 117 -1.78 -7.09 18.95
CA ASP A 117 -2.24 -8.04 17.95
C ASP A 117 -1.89 -7.75 16.47
N GLY A 118 -0.60 -7.52 16.21
CA GLY A 118 -0.10 -7.23 14.86
C GLY A 118 -0.38 -5.84 14.34
N GLU A 119 -0.75 -4.92 15.24
CA GLU A 119 -1.09 -3.55 14.85
C GLU A 119 -0.43 -2.55 15.76
N ILE A 120 0.13 -1.51 15.16
CA ILE A 120 0.64 -0.40 15.93
C ILE A 120 -0.45 0.68 15.87
N SER A 121 -0.87 1.17 17.04
CA SER A 121 -1.91 2.18 17.18
C SER A 121 -1.34 3.54 17.45
N ILE A 122 -1.74 4.54 16.67
CA ILE A 122 -1.34 5.93 16.87
C ILE A 122 -2.62 6.70 17.19
N CYS A 123 -2.75 7.10 18.46
CA CYS A 123 -3.94 7.76 18.95
C CYS A 123 -3.76 9.24 18.99
N MET A 124 -4.63 9.91 18.28
CA MET A 124 -4.49 11.34 18.18
C MET A 124 -5.79 12.08 18.34
N GLU A 125 -5.66 13.41 18.43
CA GLU A 125 -6.75 14.35 18.50
C GLU A 125 -7.69 14.12 17.32
N HIS A 126 -9.01 14.02 17.57
CA HIS A 126 -9.97 13.90 16.49
C HIS A 126 -10.19 15.31 15.88
N MET A 127 -9.95 15.45 14.56
CA MET A 127 -10.14 16.70 13.82
C MET A 127 -11.47 16.54 13.06
N ASP A 128 -12.53 17.21 13.56
CA ASP A 128 -13.91 17.04 13.06
C ASP A 128 -14.13 17.53 11.62
N GLY A 129 -13.18 18.27 11.07
CA GLY A 129 -13.26 18.73 9.68
C GLY A 129 -12.64 17.74 8.71
N GLY A 130 -11.97 16.71 9.24
CA GLY A 130 -11.29 15.71 8.44
C GLY A 130 -10.06 16.30 7.77
N SER A 131 -9.61 15.67 6.68
CA SER A 131 -8.46 16.15 5.90
C SER A 131 -8.89 17.04 4.74
N LEU A 132 -7.95 17.79 4.17
CA LEU A 132 -8.23 18.70 3.07
C LEU A 132 -8.60 17.98 1.79
N ASP A 133 -8.19 16.72 1.60
CA ASP A 133 -8.61 16.02 0.37
C ASP A 133 -10.09 15.65 0.48
N GLN A 134 -10.57 15.35 1.72
CA GLN A 134 -11.99 15.08 1.94
C GLN A 134 -12.78 16.36 1.73
N VAL A 135 -12.31 17.52 2.27
CA VAL A 135 -13.04 18.79 2.08
C VAL A 135 -12.98 19.21 0.60
N LEU A 136 -11.88 18.92 -0.12
CA LEU A 136 -11.74 19.26 -1.55
C LEU A 136 -12.83 18.60 -2.40
N LYS A 137 -13.23 17.35 -2.06
CA LYS A 137 -14.28 16.60 -2.72
C LYS A 137 -15.61 17.34 -2.66
N LYS A 138 -15.93 17.93 -1.49
CA LYS A 138 -17.14 18.71 -1.23
C LYS A 138 -17.03 20.10 -1.85
N ALA A 139 -15.95 20.82 -1.57
CA ALA A 139 -15.69 22.18 -2.03
C ALA A 139 -15.56 22.34 -3.54
N GLY A 140 -15.03 21.30 -4.22
CA GLY A 140 -14.75 21.31 -5.64
C GLY A 140 -13.36 21.87 -5.87
N ARG A 141 -13.17 23.15 -5.48
CA ARG A 141 -11.95 23.96 -5.48
C ARG A 141 -11.92 24.67 -4.10
N ILE A 142 -10.75 24.78 -3.46
CA ILE A 142 -10.64 25.50 -2.19
C ILE A 142 -10.21 26.95 -2.52
N PRO A 143 -10.92 28.01 -2.04
CA PRO A 143 -10.53 29.39 -2.38
C PRO A 143 -9.09 29.74 -2.06
N GLU A 144 -8.48 30.58 -2.91
CA GLU A 144 -7.12 31.08 -2.79
C GLU A 144 -6.80 31.63 -1.38
N GLN A 145 -7.70 32.46 -0.85
CA GLN A 145 -7.61 33.06 0.48
C GLN A 145 -7.56 32.02 1.58
N ILE A 146 -8.34 30.91 1.43
CA ILE A 146 -8.32 29.80 2.39
C ILE A 146 -6.97 29.09 2.27
N LEU A 147 -6.48 28.93 1.04
CA LEU A 147 -5.19 28.31 0.77
C LEU A 147 -4.00 29.13 1.29
N GLY A 148 -4.24 30.42 1.53
CA GLY A 148 -3.28 31.34 2.14
C GLY A 148 -3.08 30.97 3.59
N LYS A 149 -4.18 30.66 4.29
CA LYS A 149 -4.19 30.19 5.67
C LYS A 149 -3.60 28.78 5.78
N VAL A 150 -3.92 27.91 4.80
CA VAL A 150 -3.38 26.54 4.70
C VAL A 150 -1.85 26.64 4.56
N SER A 151 -1.37 27.46 3.61
CA SER A 151 0.05 27.69 3.36
C SER A 151 0.83 28.12 4.63
N ILE A 152 0.29 29.11 5.37
CA ILE A 152 0.89 29.61 6.63
C ILE A 152 1.04 28.44 7.66
N ALA A 153 -0.06 27.72 7.91
CA ALA A 153 -0.13 26.60 8.83
C ALA A 153 0.86 25.48 8.44
N VAL A 154 0.98 25.16 7.13
CA VAL A 154 1.92 24.14 6.64
C VAL A 154 3.37 24.61 6.85
N ILE A 155 3.70 25.87 6.45
CA ILE A 155 5.06 26.40 6.64
C ILE A 155 5.43 26.41 8.13
N LYS A 156 4.53 26.89 8.98
CA LYS A 156 4.76 26.99 10.43
C LYS A 156 4.93 25.61 11.08
N GLY A 157 4.11 24.65 10.67
CA GLY A 157 4.20 23.26 11.13
C GLY A 157 5.51 22.60 10.76
N LEU A 158 5.91 22.75 9.48
CA LEU A 158 7.18 22.27 8.91
C LEU A 158 8.35 22.93 9.65
N THR A 159 8.24 24.23 9.96
CA THR A 159 9.26 25.00 10.67
C THR A 159 9.39 24.49 12.11
N TYR A 160 8.24 24.27 12.79
CA TYR A 160 8.24 23.77 14.17
C TYR A 160 8.98 22.41 14.23
N LEU A 161 8.58 21.50 13.33
CA LEU A 161 9.16 20.16 13.24
C LEU A 161 10.66 20.18 13.00
N ARG A 162 11.12 20.99 12.04
CA ARG A 162 12.53 21.12 11.69
C ARG A 162 13.34 21.77 12.83
N GLU A 163 12.88 22.94 13.31
CA GLU A 163 13.57 23.70 14.35
C GLU A 163 13.56 23.07 15.75
N LYS A 164 12.40 22.54 16.19
CA LYS A 164 12.31 22.00 17.54
C LYS A 164 12.66 20.52 17.66
N HIS A 165 12.33 19.69 16.65
CA HIS A 165 12.58 18.26 16.77
C HIS A 165 13.47 17.67 15.70
N LYS A 166 14.04 18.53 14.82
CA LYS A 166 14.96 18.11 13.75
C LYS A 166 14.34 17.04 12.81
N ILE A 167 13.00 17.05 12.69
CA ILE A 167 12.29 16.11 11.84
C ILE A 167 11.76 16.80 10.57
N MET A 168 11.73 16.05 9.47
CA MET A 168 11.14 16.48 8.21
C MET A 168 9.82 15.74 8.12
N HIS A 169 8.86 16.29 7.38
CA HIS A 169 7.55 15.67 7.27
C HIS A 169 7.59 14.39 6.46
N ARG A 170 8.18 14.44 5.24
CA ARG A 170 8.33 13.30 4.30
C ARG A 170 7.00 12.85 3.65
N ASP A 171 5.84 13.35 4.10
CA ASP A 171 4.57 12.90 3.50
C ASP A 171 3.52 14.03 3.41
N VAL A 172 3.94 15.21 2.95
CA VAL A 172 3.03 16.35 2.83
C VAL A 172 2.09 16.10 1.65
N LYS A 173 0.77 16.19 1.89
CA LYS A 173 -0.29 16.00 0.88
C LYS A 173 -1.63 16.39 1.47
N PRO A 174 -2.69 16.68 0.64
CA PRO A 174 -3.97 17.11 1.22
C PRO A 174 -4.55 16.22 2.32
N SER A 175 -4.26 14.90 2.29
CA SER A 175 -4.81 13.97 3.27
C SER A 175 -4.08 14.03 4.61
N ASN A 176 -2.90 14.69 4.62
CA ASN A 176 -2.08 14.86 5.81
C ASN A 176 -2.16 16.26 6.39
N ILE A 177 -3.15 17.06 5.92
CA ILE A 177 -3.44 18.39 6.46
C ILE A 177 -4.88 18.29 7.02
N LEU A 178 -5.02 18.32 8.36
CA LEU A 178 -6.28 18.17 9.09
C LEU A 178 -6.86 19.50 9.48
N VAL A 179 -8.20 19.62 9.40
CA VAL A 179 -8.90 20.85 9.76
C VAL A 179 -10.03 20.57 10.75
N ASN A 180 -10.50 21.61 11.46
CA ASN A 180 -11.59 21.44 12.43
C ASN A 180 -12.54 22.66 12.45
N SER A 181 -13.71 22.49 13.10
CA SER A 181 -14.76 23.47 13.27
C SER A 181 -14.34 24.73 14.03
N ARG A 182 -13.18 24.71 14.70
CA ARG A 182 -12.62 25.86 15.41
C ARG A 182 -11.69 26.63 14.46
N GLY A 183 -11.54 26.12 13.24
CA GLY A 183 -10.74 26.74 12.21
C GLY A 183 -9.26 26.44 12.29
N GLU A 184 -8.89 25.38 12.99
CA GLU A 184 -7.49 25.00 13.12
C GLU A 184 -7.04 24.18 11.93
N ILE A 185 -5.78 24.38 11.49
CA ILE A 185 -5.16 23.66 10.39
C ILE A 185 -3.92 22.99 10.97
N LYS A 186 -3.84 21.64 10.87
CA LYS A 186 -2.77 20.89 11.51
C LYS A 186 -2.18 19.77 10.66
N LEU A 187 -0.87 19.54 10.77
CA LEU A 187 -0.19 18.47 10.07
C LEU A 187 -0.24 17.18 10.88
N CYS A 188 -0.19 16.04 10.20
CA CYS A 188 -0.17 14.69 10.79
C CYS A 188 0.64 13.81 9.88
N ASP A 189 0.98 12.58 10.33
CA ASP A 189 1.68 11.58 9.51
C ASP A 189 3.06 12.03 9.00
N PHE A 190 3.81 12.75 9.85
CA PHE A 190 5.18 13.18 9.58
C PHE A 190 6.15 12.10 10.04
N GLY A 191 7.33 12.07 9.43
CA GLY A 191 8.34 11.04 9.65
C GLY A 191 9.08 11.08 10.97
N VAL A 192 8.34 10.96 12.08
CA VAL A 192 8.87 10.99 13.46
C VAL A 192 9.69 9.72 13.78
N SER A 193 9.35 8.58 13.15
CA SER A 193 10.02 7.30 13.40
C SER A 193 10.81 6.78 12.19
N GLY A 194 12.14 6.85 12.29
CA GLY A 194 13.03 6.32 11.26
C GLY A 194 12.83 4.85 10.99
N GLN A 195 12.64 4.06 12.07
CA GLN A 195 12.40 2.62 11.99
C GLN A 195 11.03 2.32 11.36
N LEU A 196 9.99 3.16 11.62
CA LEU A 196 8.68 2.96 11.00
C LEU A 196 8.78 3.18 9.49
N ILE A 197 9.49 4.24 9.05
CA ILE A 197 9.73 4.52 7.63
C ILE A 197 10.42 3.28 6.98
N ASP A 198 11.53 2.79 7.61
CA ASP A 198 12.28 1.62 7.13
C ASP A 198 11.42 0.36 7.04
N SER A 199 10.61 0.06 8.07
CA SER A 199 9.74 -1.12 8.13
C SER A 199 8.57 -1.09 7.13
N MET A 200 8.05 0.12 6.80
CA MET A 200 6.92 0.30 5.87
C MET A 200 7.38 0.36 4.41
N GLY A 206 1.29 5.88 -6.38
CA GLY A 206 0.11 5.18 -6.86
C GLY A 206 -0.49 5.86 -8.08
N THR A 207 -1.77 6.28 -7.99
CA THR A 207 -2.44 7.00 -9.07
C THR A 207 -2.16 8.52 -8.95
N ARG A 208 -1.50 8.90 -7.82
CA ARG A 208 -1.11 10.26 -7.46
C ARG A 208 0.16 10.18 -6.60
N SER A 209 1.18 11.02 -6.91
CA SER A 209 2.43 11.11 -6.15
C SER A 209 2.72 12.56 -5.84
N TYR A 210 3.18 12.83 -4.61
CA TYR A 210 3.52 14.18 -4.16
C TYR A 210 5.00 14.31 -3.94
N MET A 211 5.76 13.24 -4.23
CA MET A 211 7.21 13.18 -4.09
C MET A 211 7.91 14.10 -5.08
N SER A 212 8.97 14.78 -4.61
CA SER A 212 9.75 15.72 -5.42
C SER A 212 10.48 14.98 -6.54
N PRO A 213 10.81 15.63 -7.68
CA PRO A 213 11.57 14.93 -8.73
C PRO A 213 12.86 14.31 -8.22
N GLU A 214 13.58 14.99 -7.29
CA GLU A 214 14.84 14.45 -6.76
C GLU A 214 14.60 13.25 -5.83
N ARG A 215 13.49 13.24 -5.06
CA ARG A 215 13.20 12.12 -4.18
C ARG A 215 12.87 10.86 -4.97
N LEU A 216 12.14 11.03 -6.09
CA LEU A 216 11.78 9.93 -6.97
C LEU A 216 13.02 9.27 -7.58
N GLN A 217 14.11 10.04 -7.77
CA GLN A 217 15.40 9.58 -8.33
C GLN A 217 16.34 9.00 -7.27
N GLY A 218 15.96 9.08 -6.00
CA GLY A 218 16.76 8.54 -4.91
C GLY A 218 17.44 9.53 -3.96
N THR A 219 17.58 10.79 -4.36
CA THR A 219 18.22 11.86 -3.60
C THR A 219 17.80 11.89 -2.11
N HIS A 220 18.80 12.02 -1.19
CA HIS A 220 18.60 12.11 0.25
C HIS A 220 17.55 13.18 0.59
N TYR A 221 16.61 12.84 1.50
CA TYR A 221 15.50 13.71 1.88
C TYR A 221 15.95 15.06 2.42
N SER A 222 15.11 16.07 2.20
CA SER A 222 15.36 17.45 2.61
C SER A 222 14.03 18.17 2.77
N VAL A 223 14.02 19.29 3.52
CA VAL A 223 12.85 20.15 3.70
C VAL A 223 12.38 20.65 2.31
N GLN A 224 13.32 20.72 1.33
CA GLN A 224 13.05 21.12 -0.06
C GLN A 224 12.05 20.19 -0.73
N SER A 225 12.09 18.89 -0.37
CA SER A 225 11.16 17.88 -0.88
C SER A 225 9.78 18.14 -0.30
N ASP A 226 9.71 18.55 0.98
CA ASP A 226 8.45 18.91 1.67
C ASP A 226 7.82 20.15 1.05
N ILE A 227 8.65 21.13 0.62
CA ILE A 227 8.28 22.38 -0.07
C ILE A 227 7.62 22.00 -1.41
N TRP A 228 8.22 21.05 -2.15
CA TRP A 228 7.67 20.55 -3.41
C TRP A 228 6.28 19.95 -3.19
N SER A 229 6.19 18.98 -2.25
CA SER A 229 4.92 18.34 -1.92
C SER A 229 3.83 19.38 -1.58
N MET A 230 4.19 20.42 -0.77
CA MET A 230 3.29 21.50 -0.39
C MET A 230 2.81 22.26 -1.62
N GLY A 231 3.76 22.69 -2.46
CA GLY A 231 3.40 23.38 -3.70
C GLY A 231 2.42 22.62 -4.58
N LEU A 232 2.68 21.31 -4.82
CA LEU A 232 1.82 20.44 -5.62
C LEU A 232 0.39 20.35 -5.02
N SER A 233 0.32 20.15 -3.70
CA SER A 233 -0.90 20.05 -2.91
C SER A 233 -1.72 21.33 -3.07
N LEU A 234 -1.05 22.49 -3.05
CA LEU A 234 -1.69 23.80 -3.21
C LEU A 234 -2.32 23.94 -4.59
N VAL A 235 -1.59 23.58 -5.66
CA VAL A 235 -2.08 23.65 -7.05
C VAL A 235 -3.31 22.74 -7.20
N GLU A 236 -3.23 21.50 -6.67
CA GLU A 236 -4.33 20.52 -6.69
C GLU A 236 -5.59 21.10 -6.02
N MET A 237 -5.45 21.62 -4.78
CA MET A 237 -6.56 22.20 -3.99
C MET A 237 -7.12 23.46 -4.63
N ALA A 238 -6.26 24.23 -5.33
CA ALA A 238 -6.68 25.45 -6.02
C ALA A 238 -7.48 25.14 -7.28
N VAL A 239 -7.10 24.10 -8.02
CA VAL A 239 -7.71 23.76 -9.31
C VAL A 239 -8.80 22.67 -9.22
N GLY A 240 -8.84 21.95 -8.09
CA GLY A 240 -9.81 20.89 -7.84
C GLY A 240 -9.43 19.51 -8.35
N ARG A 241 -8.21 19.35 -8.88
CA ARG A 241 -7.77 18.04 -9.36
C ARG A 241 -6.25 17.89 -9.28
N TYR A 242 -5.78 16.63 -9.32
CA TYR A 242 -4.36 16.30 -9.36
C TYR A 242 -3.79 16.95 -10.64
N PRO A 243 -2.84 17.93 -10.54
CA PRO A 243 -2.46 18.71 -11.74
C PRO A 243 -1.52 18.07 -12.76
N ILE A 244 -1.21 16.78 -12.63
CA ILE A 244 -0.42 16.07 -13.65
C ILE A 244 -1.37 15.03 -14.32
N GLY A 245 -1.78 15.31 -15.56
CA GLY A 245 -2.69 14.49 -16.32
C GLY A 245 -3.72 15.30 -17.07
N MET A 251 -4.04 7.82 -15.62
CA MET A 251 -2.67 7.95 -16.10
C MET A 251 -1.81 6.83 -15.49
N ALA A 252 -0.90 6.23 -16.30
CA ALA A 252 -0.07 5.12 -15.82
C ALA A 252 1.04 5.53 -14.85
N ILE A 253 1.49 4.58 -14.00
CA ILE A 253 2.49 4.70 -12.93
C ILE A 253 3.79 5.37 -13.41
N PHE A 254 4.47 4.75 -14.37
CA PHE A 254 5.72 5.28 -14.93
C PHE A 254 5.47 6.59 -15.68
N GLU A 255 4.33 6.67 -16.41
CA GLU A 255 3.91 7.85 -17.17
C GLU A 255 3.83 9.06 -16.23
N LEU A 256 3.20 8.88 -15.06
CA LEU A 256 3.06 9.92 -14.07
C LEU A 256 4.42 10.38 -13.53
N LEU A 257 5.26 9.43 -13.07
CA LEU A 257 6.58 9.72 -12.51
C LEU A 257 7.57 10.29 -13.53
N ASP A 258 7.44 9.88 -14.80
CA ASP A 258 8.29 10.39 -15.88
C ASP A 258 7.93 11.84 -16.13
N TYR A 259 6.64 12.18 -15.97
CA TYR A 259 6.17 13.55 -16.15
C TYR A 259 6.74 14.46 -15.05
N ILE A 260 6.66 14.04 -13.78
CA ILE A 260 7.22 14.77 -12.64
C ILE A 260 8.73 15.01 -12.82
N VAL A 261 9.49 13.97 -13.15
CA VAL A 261 10.94 14.03 -13.29
C VAL A 261 11.43 14.75 -14.57
N ASN A 262 10.84 14.46 -15.74
CA ASN A 262 11.34 14.96 -17.02
C ASN A 262 10.53 16.04 -17.71
N GLU A 263 9.38 16.44 -17.14
CA GLU A 263 8.58 17.50 -17.75
C GLU A 263 8.47 18.75 -16.85
N PRO A 264 8.17 19.96 -17.39
CA PRO A 264 8.04 21.14 -16.50
C PRO A 264 7.04 20.98 -15.35
N PRO A 265 7.30 21.58 -14.17
CA PRO A 265 6.33 21.47 -13.05
C PRO A 265 4.96 22.04 -13.43
N PRO A 266 3.83 21.64 -12.78
CA PRO A 266 2.55 22.26 -13.14
C PRO A 266 2.49 23.71 -12.68
N LYS A 267 1.68 24.52 -13.38
CA LYS A 267 1.45 25.94 -13.13
C LYS A 267 0.00 26.17 -12.82
N LEU A 268 -0.28 27.13 -11.95
CA LEU A 268 -1.61 27.58 -11.61
C LEU A 268 -2.14 28.31 -12.86
N PRO A 269 -3.41 28.09 -13.28
CA PRO A 269 -3.91 28.78 -14.49
C PRO A 269 -3.95 30.28 -14.31
N SER A 270 -3.71 31.02 -15.40
CA SER A 270 -3.73 32.47 -15.35
C SER A 270 -5.16 33.00 -15.51
N GLY A 271 -5.43 34.16 -14.91
CA GLY A 271 -6.71 34.86 -14.99
C GLY A 271 -7.71 34.59 -13.87
N VAL A 272 -7.39 33.64 -12.98
CA VAL A 272 -8.24 33.22 -11.86
C VAL A 272 -7.52 33.37 -10.52
N PHE A 273 -6.19 33.32 -10.56
CA PHE A 273 -5.36 33.37 -9.35
C PHE A 273 -4.45 34.58 -9.34
N SER A 274 -4.14 35.10 -8.14
CA SER A 274 -3.25 36.26 -8.03
C SER A 274 -1.83 35.93 -8.47
N LEU A 275 -1.09 36.95 -8.91
CA LEU A 275 0.31 36.87 -9.33
C LEU A 275 1.22 36.40 -8.19
N GLU A 276 0.87 36.78 -6.94
CA GLU A 276 1.62 36.45 -5.70
C GLU A 276 1.48 34.98 -5.39
N PHE A 277 0.25 34.42 -5.58
CA PHE A 277 -0.04 32.99 -5.36
C PHE A 277 0.62 32.17 -6.45
N GLN A 278 0.56 32.62 -7.71
CA GLN A 278 1.21 31.96 -8.85
C GLN A 278 2.73 31.90 -8.62
N ASP A 279 3.33 33.03 -8.17
CA ASP A 279 4.75 33.10 -7.88
C ASP A 279 5.14 32.22 -6.68
N PHE A 280 4.27 32.13 -5.65
CA PHE A 280 4.52 31.32 -4.46
C PHE A 280 4.62 29.83 -4.82
N VAL A 281 3.63 29.30 -5.57
CA VAL A 281 3.63 27.88 -5.98
C VAL A 281 4.78 27.62 -6.98
N ASN A 282 5.10 28.61 -7.85
CA ASN A 282 6.20 28.47 -8.79
C ASN A 282 7.50 28.28 -8.03
N LYS A 283 7.74 29.09 -6.98
CA LYS A 283 8.95 28.97 -6.16
C LYS A 283 9.02 27.63 -5.39
N CYS A 284 7.86 27.01 -5.03
CA CYS A 284 7.79 25.70 -4.37
C CYS A 284 8.06 24.59 -5.38
N LEU A 285 7.67 24.79 -6.65
CA LEU A 285 7.76 23.75 -7.68
C LEU A 285 9.00 23.84 -8.61
N ILE A 286 10.03 24.63 -8.25
CA ILE A 286 11.25 24.70 -9.05
C ILE A 286 11.89 23.30 -9.05
N LYS A 287 12.14 22.72 -10.23
CA LYS A 287 12.70 21.37 -10.33
C LYS A 287 13.97 21.20 -9.51
N ASN A 288 14.94 22.13 -9.67
CA ASN A 288 16.22 22.15 -8.95
C ASN A 288 15.99 22.50 -7.49
N PRO A 289 16.32 21.57 -6.56
CA PRO A 289 16.10 21.84 -5.12
C PRO A 289 16.90 23.02 -4.57
N ALA A 290 18.06 23.36 -5.18
CA ALA A 290 18.88 24.50 -4.79
C ALA A 290 18.22 25.87 -5.11
N GLU A 291 17.56 26.01 -6.29
CA GLU A 291 16.88 27.25 -6.70
C GLU A 291 15.50 27.33 -6.01
N ARG A 292 14.93 26.18 -5.68
CA ARG A 292 13.64 26.06 -5.00
C ARG A 292 13.68 26.87 -3.70
N ALA A 293 12.56 27.51 -3.34
CA ALA A 293 12.46 28.31 -2.14
C ALA A 293 12.56 27.46 -0.89
N ASP A 294 13.13 28.04 0.18
CA ASP A 294 13.24 27.35 1.47
C ASP A 294 12.14 27.89 2.38
N LEU A 295 12.00 27.37 3.61
CA LEU A 295 10.97 27.80 4.56
C LEU A 295 11.08 29.25 5.01
N LYS A 296 12.33 29.75 5.15
CA LYS A 296 12.61 31.13 5.56
C LYS A 296 12.13 32.10 4.48
N GLN A 297 12.49 31.82 3.20
CA GLN A 297 12.08 32.66 2.07
C GLN A 297 10.58 32.62 1.89
N LEU A 298 9.96 31.43 1.99
CA LEU A 298 8.51 31.30 1.85
C LEU A 298 7.73 32.07 2.92
N MET A 299 8.29 32.19 4.12
CA MET A 299 7.64 32.87 5.24
C MET A 299 7.54 34.40 5.03
N VAL A 300 8.42 34.98 4.21
CA VAL A 300 8.44 36.42 3.91
C VAL A 300 7.98 36.68 2.45
N HIS A 301 7.48 35.65 1.76
CA HIS A 301 6.95 35.79 0.40
C HIS A 301 5.69 36.67 0.46
N ALA A 302 5.49 37.51 -0.58
CA ALA A 302 4.34 38.41 -0.70
C ALA A 302 3.02 37.69 -0.44
N PHE A 303 2.90 36.45 -0.98
CA PHE A 303 1.70 35.65 -0.78
C PHE A 303 1.42 35.42 0.69
N ILE A 304 2.47 35.04 1.47
CA ILE A 304 2.30 34.76 2.89
C ILE A 304 2.00 36.04 3.66
N LYS A 305 2.75 37.11 3.38
CA LYS A 305 2.57 38.42 4.01
C LYS A 305 1.16 38.94 3.79
N ARG A 306 0.62 38.79 2.56
CA ARG A 306 -0.75 39.21 2.20
C ARG A 306 -1.78 38.40 2.97
N SER A 307 -1.68 37.06 2.88
CA SER A 307 -2.54 36.07 3.51
C SER A 307 -2.60 36.20 5.03
N ASP A 308 -1.46 36.52 5.68
CA ASP A 308 -1.39 36.69 7.15
C ASP A 308 -2.13 37.95 7.63
N ALA A 309 -2.22 38.98 6.77
CA ALA A 309 -2.93 40.22 7.11
C ALA A 309 -4.46 40.11 6.87
N GLU A 310 -4.90 39.13 6.06
CA GLU A 310 -6.30 38.92 5.72
C GLU A 310 -7.13 38.32 6.87
N GLU A 311 -8.33 38.86 7.07
CA GLU A 311 -9.30 38.37 8.03
C GLU A 311 -10.18 37.41 7.25
N VAL A 312 -9.86 36.13 7.35
CA VAL A 312 -10.58 35.08 6.65
C VAL A 312 -11.22 34.26 7.77
N ASP A 313 -12.53 34.00 7.63
CA ASP A 313 -13.29 33.20 8.59
C ASP A 313 -13.22 31.76 8.11
N PHE A 314 -12.04 31.16 8.25
CA PHE A 314 -11.81 29.78 7.81
C PHE A 314 -12.79 28.79 8.48
N ALA A 315 -13.05 28.94 9.80
CA ALA A 315 -13.98 28.12 10.57
C ALA A 315 -15.39 28.21 9.99
N GLY A 316 -15.83 29.43 9.60
CA GLY A 316 -17.12 29.68 8.99
C GLY A 316 -17.26 29.04 7.63
N TRP A 317 -16.24 29.22 6.76
CA TRP A 317 -16.16 28.64 5.41
C TRP A 317 -16.19 27.09 5.48
N LEU A 318 -15.40 26.52 6.41
CA LEU A 318 -15.29 25.06 6.56
C LEU A 318 -16.65 24.46 7.00
N CYS A 319 -17.28 25.06 8.01
CA CYS A 319 -18.56 24.62 8.52
C CYS A 319 -19.68 24.73 7.49
N SER A 320 -19.64 25.75 6.62
CA SER A 320 -20.66 25.85 5.58
C SER A 320 -20.42 24.92 4.39
N THR A 321 -19.17 24.70 3.96
CA THR A 321 -18.92 23.81 2.80
C THR A 321 -19.05 22.31 3.12
N ILE A 322 -18.74 21.88 4.35
CA ILE A 322 -18.85 20.44 4.65
C ILE A 322 -20.04 20.13 5.60
N GLY A 323 -20.78 21.15 6.02
CA GLY A 323 -21.95 21.02 6.89
C GLY A 323 -21.68 20.54 8.29
N LEU A 324 -20.97 21.36 9.13
CA LEU A 324 -20.63 21.03 10.52
C LEU A 324 -21.46 21.75 11.61
N ASN A 325 -20.78 22.40 12.58
CA ASN A 325 -21.31 23.13 13.72
C ASN A 325 -22.07 24.39 13.31
N LEU B 18 -17.39 -32.42 -12.11
CA LEU B 18 -16.98 -32.39 -13.51
C LEU B 18 -15.51 -32.01 -13.65
N GLU B 19 -14.79 -32.69 -14.57
CA GLU B 19 -13.37 -32.43 -14.81
C GLU B 19 -13.01 -32.56 -16.31
N GLU B 20 -12.94 -31.42 -17.01
CA GLU B 20 -12.56 -31.32 -18.43
C GLU B 20 -11.05 -30.99 -18.53
N LEU B 21 -10.26 -31.64 -17.68
CA LEU B 21 -8.82 -31.42 -17.58
C LEU B 21 -8.04 -32.73 -17.45
N GLU B 22 -6.90 -32.81 -18.18
CA GLU B 22 -6.02 -33.99 -18.19
C GLU B 22 -5.31 -34.12 -16.85
N LEU B 23 -5.98 -34.80 -15.91
CA LEU B 23 -5.50 -35.06 -14.55
C LEU B 23 -4.98 -36.49 -14.44
N ASP B 24 -3.84 -36.68 -13.74
CA ASP B 24 -3.37 -38.03 -13.43
C ASP B 24 -4.23 -38.49 -12.22
N GLU B 25 -4.21 -39.78 -11.87
CA GLU B 25 -5.05 -40.30 -10.78
C GLU B 25 -4.78 -39.67 -9.41
N GLN B 26 -3.53 -39.27 -9.14
CA GLN B 26 -3.12 -38.63 -7.89
C GLN B 26 -3.78 -37.23 -7.80
N GLN B 27 -3.79 -36.46 -8.92
CA GLN B 27 -4.39 -35.12 -9.01
C GLN B 27 -5.92 -35.20 -8.92
N ARG B 28 -6.52 -36.30 -9.42
CA ARG B 28 -7.97 -36.51 -9.39
C ARG B 28 -8.38 -36.81 -7.95
N LYS B 29 -7.61 -37.69 -7.26
CA LYS B 29 -7.86 -38.03 -5.86
C LYS B 29 -7.74 -36.80 -4.96
N ARG B 30 -6.68 -35.97 -5.13
CA ARG B 30 -6.45 -34.75 -4.35
C ARG B 30 -7.56 -33.73 -4.54
N LEU B 31 -7.91 -33.42 -5.81
CA LEU B 31 -8.99 -32.48 -6.15
C LEU B 31 -10.33 -32.96 -5.60
N GLU B 32 -10.60 -34.27 -5.67
CA GLU B 32 -11.82 -34.86 -5.14
C GLU B 32 -11.86 -34.76 -3.62
N ALA B 33 -10.73 -35.00 -2.93
CA ALA B 33 -10.63 -34.87 -1.47
C ALA B 33 -10.84 -33.42 -1.02
N PHE B 34 -10.35 -32.41 -1.77
CA PHE B 34 -10.55 -30.99 -1.41
C PHE B 34 -12.01 -30.62 -1.54
N LEU B 35 -12.67 -31.02 -2.66
CA LEU B 35 -14.08 -30.73 -2.93
C LEU B 35 -15.03 -31.43 -1.92
N THR B 36 -14.65 -32.63 -1.45
CA THR B 36 -15.40 -33.41 -0.44
C THR B 36 -15.32 -32.67 0.90
N GLN B 37 -14.11 -32.23 1.27
CA GLN B 37 -13.76 -31.47 2.48
C GLN B 37 -14.51 -30.12 2.48
N LYS B 38 -14.66 -29.50 1.28
CA LYS B 38 -15.37 -28.24 1.05
C LYS B 38 -16.89 -28.37 1.30
N GLN B 39 -17.47 -29.57 1.12
CA GLN B 39 -18.90 -29.83 1.35
C GLN B 39 -19.28 -29.75 2.82
N LYS B 40 -18.29 -29.90 3.70
CA LYS B 40 -18.41 -29.83 5.16
C LYS B 40 -18.53 -28.36 5.65
N VAL B 41 -18.32 -27.40 4.73
CA VAL B 41 -18.37 -25.96 4.96
C VAL B 41 -19.67 -25.35 4.40
N GLY B 42 -20.40 -24.68 5.27
CA GLY B 42 -21.62 -24.00 4.90
C GLY B 42 -21.39 -22.50 4.83
N GLU B 43 -22.33 -21.76 5.42
CA GLU B 43 -22.32 -20.31 5.53
C GLU B 43 -21.07 -19.83 6.32
N LEU B 44 -20.18 -19.12 5.62
CA LEU B 44 -18.96 -18.60 6.21
C LEU B 44 -19.33 -17.30 6.89
N LYS B 45 -19.05 -17.22 8.20
CA LYS B 45 -19.35 -16.05 9.03
C LYS B 45 -18.13 -15.72 9.87
N ASP B 46 -17.88 -14.42 10.11
CA ASP B 46 -16.73 -13.93 10.86
C ASP B 46 -16.54 -14.60 12.25
N ASP B 47 -17.63 -14.72 13.03
CA ASP B 47 -17.58 -15.29 14.37
C ASP B 47 -17.11 -16.77 14.40
N ASP B 48 -17.25 -17.51 13.28
CA ASP B 48 -16.87 -18.94 13.14
C ASP B 48 -15.38 -19.22 13.07
N PHE B 49 -14.58 -18.17 12.94
CA PHE B 49 -13.14 -18.28 12.80
C PHE B 49 -12.35 -17.99 14.07
N GLU B 50 -11.28 -18.74 14.25
CA GLU B 50 -10.36 -18.60 15.36
C GLU B 50 -8.95 -18.47 14.77
N LYS B 51 -8.31 -17.33 14.99
CA LYS B 51 -6.97 -17.02 14.50
C LYS B 51 -5.93 -17.92 15.17
N ILE B 52 -5.17 -18.64 14.37
CA ILE B 52 -4.10 -19.49 14.91
C ILE B 52 -2.80 -18.66 14.93
N SER B 53 -2.43 -18.10 13.76
CA SER B 53 -1.21 -17.32 13.57
C SER B 53 -1.33 -16.49 12.29
N GLU B 54 -0.39 -15.57 12.07
CA GLU B 54 -0.36 -14.77 10.87
C GLU B 54 0.60 -15.41 9.91
N LEU B 55 0.08 -15.79 8.72
CA LEU B 55 0.85 -16.44 7.67
C LEU B 55 1.74 -15.43 6.96
N GLY B 56 1.24 -14.20 6.84
CA GLY B 56 1.93 -13.10 6.19
C GLY B 56 1.00 -11.95 5.84
N ALA B 57 1.56 -10.91 5.21
CA ALA B 57 0.82 -9.72 4.81
C ALA B 57 1.43 -9.10 3.56
N GLY B 58 0.61 -8.36 2.83
CA GLY B 58 1.00 -7.65 1.63
C GLY B 58 0.52 -6.23 1.68
N ASN B 59 0.38 -5.60 0.50
CA ASN B 59 -0.08 -4.22 0.42
C ASN B 59 -1.58 -4.08 0.73
N GLY B 60 -2.43 -4.84 0.04
CA GLY B 60 -3.86 -4.78 0.24
C GLY B 60 -4.44 -5.46 1.48
N GLY B 61 -3.81 -6.57 1.88
CA GLY B 61 -4.30 -7.36 3.00
C GLY B 61 -3.30 -8.15 3.80
N VAL B 62 -3.85 -8.90 4.75
CA VAL B 62 -3.18 -9.77 5.72
C VAL B 62 -3.81 -11.17 5.63
N VAL B 63 -2.97 -12.22 5.64
CA VAL B 63 -3.54 -13.57 5.61
C VAL B 63 -3.17 -14.31 6.91
N PHE B 64 -4.20 -14.84 7.56
CA PHE B 64 -4.08 -15.56 8.80
C PHE B 64 -4.38 -17.03 8.62
N LYS B 65 -3.61 -17.87 9.35
CA LYS B 65 -3.90 -19.29 9.43
C LYS B 65 -4.99 -19.32 10.50
N VAL B 66 -6.17 -19.80 10.12
CA VAL B 66 -7.34 -19.83 10.98
C VAL B 66 -7.91 -21.22 11.08
N SER B 67 -8.72 -21.42 12.11
CA SER B 67 -9.45 -22.65 12.31
C SER B 67 -10.90 -22.30 12.05
N HIS B 68 -11.55 -23.00 11.11
CA HIS B 68 -12.97 -22.82 10.89
C HIS B 68 -13.63 -23.76 11.90
N LYS B 69 -14.07 -23.17 13.02
CA LYS B 69 -14.63 -23.88 14.16
C LYS B 69 -15.80 -24.85 13.82
N PRO B 70 -16.83 -24.52 12.98
CA PRO B 70 -17.90 -25.51 12.73
C PRO B 70 -17.48 -26.77 11.99
N SER B 71 -16.47 -26.67 11.10
CA SER B 71 -16.01 -27.81 10.30
C SER B 71 -14.74 -28.49 10.85
N GLY B 72 -13.95 -27.75 11.61
CA GLY B 72 -12.67 -28.22 12.17
C GLY B 72 -11.51 -27.95 11.24
N LEU B 73 -11.83 -27.55 9.99
CA LEU B 73 -10.88 -27.27 8.92
C LEU B 73 -9.95 -26.11 9.22
N VAL B 74 -8.67 -26.31 8.95
CA VAL B 74 -7.64 -25.28 9.04
C VAL B 74 -7.68 -24.62 7.65
N MET B 75 -7.77 -23.29 7.63
CA MET B 75 -7.87 -22.49 6.41
C MET B 75 -6.89 -21.33 6.43
N ALA B 76 -6.69 -20.71 5.28
CA ALA B 76 -5.92 -19.48 5.18
C ALA B 76 -6.94 -18.39 4.86
N ARG B 77 -7.14 -17.47 5.79
CA ARG B 77 -8.08 -16.38 5.63
C ARG B 77 -7.38 -15.08 5.25
N LYS B 78 -7.61 -14.60 4.02
CA LYS B 78 -7.04 -13.32 3.62
C LYS B 78 -8.09 -12.24 3.94
N LEU B 79 -7.72 -11.20 4.69
CA LEU B 79 -8.61 -10.09 5.03
C LEU B 79 -8.14 -8.82 4.35
N ILE B 80 -9.05 -8.20 3.57
CA ILE B 80 -8.77 -6.98 2.81
C ILE B 80 -9.68 -5.90 3.34
N HIS B 81 -9.09 -4.90 4.01
CA HIS B 81 -9.84 -3.82 4.58
C HIS B 81 -10.38 -2.87 3.51
N LEU B 82 -11.70 -2.67 3.53
CA LEU B 82 -12.41 -1.79 2.61
C LEU B 82 -13.75 -1.43 3.19
N GLU B 83 -13.89 -0.22 3.75
CA GLU B 83 -15.16 0.25 4.25
C GLU B 83 -15.73 0.90 3.00
N ILE B 84 -16.65 0.19 2.36
CA ILE B 84 -17.24 0.58 1.09
C ILE B 84 -18.74 0.46 1.08
N LYS B 85 -19.36 1.16 0.12
CA LYS B 85 -20.78 1.17 -0.17
C LYS B 85 -21.27 -0.28 -0.35
N PRO B 86 -22.42 -0.62 0.28
CA PRO B 86 -22.97 -1.98 0.16
C PRO B 86 -23.17 -2.47 -1.27
N ALA B 87 -23.55 -1.57 -2.19
CA ALA B 87 -23.75 -1.91 -3.60
C ALA B 87 -22.47 -2.40 -4.23
N ILE B 88 -21.33 -1.76 -3.90
CA ILE B 88 -20.08 -2.15 -4.50
C ILE B 88 -19.48 -3.39 -3.79
N ARG B 89 -19.67 -3.56 -2.47
CA ARG B 89 -19.16 -4.76 -1.82
C ARG B 89 -19.93 -5.99 -2.27
N ASN B 90 -21.25 -5.84 -2.52
CA ASN B 90 -22.08 -6.92 -3.06
C ASN B 90 -21.60 -7.32 -4.47
N GLN B 91 -21.14 -6.35 -5.28
CA GLN B 91 -20.58 -6.62 -6.60
C GLN B 91 -19.26 -7.41 -6.46
N ILE B 92 -18.33 -6.98 -5.56
CA ILE B 92 -17.05 -7.64 -5.28
C ILE B 92 -17.32 -9.08 -4.84
N ILE B 93 -18.19 -9.27 -3.84
CA ILE B 93 -18.51 -10.60 -3.33
C ILE B 93 -19.11 -11.47 -4.44
N ARG B 94 -20.01 -10.92 -5.28
CA ARG B 94 -20.55 -11.65 -6.42
C ARG B 94 -19.40 -12.06 -7.37
N GLU B 95 -18.51 -11.13 -7.70
CA GLU B 95 -17.39 -11.43 -8.60
C GLU B 95 -16.47 -12.53 -8.05
N LEU B 96 -16.28 -12.56 -6.72
CA LEU B 96 -15.45 -13.55 -6.03
C LEU B 96 -16.05 -14.96 -5.98
N GLN B 97 -17.38 -15.12 -6.22
CA GLN B 97 -18.05 -16.42 -6.18
C GLN B 97 -17.64 -17.34 -7.33
N VAL B 98 -17.07 -16.75 -8.41
CA VAL B 98 -16.57 -17.45 -9.61
C VAL B 98 -15.40 -18.36 -9.19
N LEU B 99 -14.76 -18.03 -8.05
CA LEU B 99 -13.66 -18.82 -7.50
C LEU B 99 -14.11 -20.24 -7.13
N HIS B 100 -15.42 -20.44 -6.84
CA HIS B 100 -16.02 -21.75 -6.54
C HIS B 100 -15.91 -22.72 -7.73
N GLU B 101 -15.83 -22.14 -8.96
CA GLU B 101 -15.74 -22.85 -10.23
C GLU B 101 -14.28 -23.06 -10.67
N CYS B 102 -13.31 -22.41 -10.00
CA CYS B 102 -11.90 -22.50 -10.34
C CYS B 102 -11.24 -23.71 -9.68
N ASN B 103 -11.54 -24.88 -10.24
CA ASN B 103 -11.02 -26.18 -9.79
C ASN B 103 -9.92 -26.64 -10.74
N SER B 104 -8.68 -26.62 -10.25
CA SER B 104 -7.50 -27.01 -11.02
C SER B 104 -6.39 -27.40 -10.06
N PRO B 105 -5.55 -28.41 -10.38
CA PRO B 105 -4.44 -28.75 -9.46
C PRO B 105 -3.41 -27.62 -9.31
N TYR B 106 -3.44 -26.64 -10.22
CA TYR B 106 -2.51 -25.51 -10.26
C TYR B 106 -3.11 -24.20 -9.73
N ILE B 107 -4.27 -24.28 -9.07
CA ILE B 107 -5.00 -23.15 -8.48
C ILE B 107 -5.35 -23.51 -7.02
N VAL B 108 -5.04 -22.62 -6.07
CA VAL B 108 -5.27 -22.86 -4.63
C VAL B 108 -6.77 -23.05 -4.38
N GLY B 109 -7.12 -24.05 -3.59
CA GLY B 109 -8.51 -24.34 -3.26
C GLY B 109 -9.17 -23.16 -2.59
N PHE B 110 -10.45 -22.96 -2.86
CA PHE B 110 -11.24 -21.85 -2.32
C PHE B 110 -12.46 -22.37 -1.53
N TYR B 111 -12.64 -21.89 -0.29
CA TYR B 111 -13.78 -22.28 0.54
C TYR B 111 -14.94 -21.30 0.44
N GLY B 112 -14.63 -20.02 0.30
CA GLY B 112 -15.63 -18.97 0.22
C GLY B 112 -15.11 -17.57 0.49
N ALA B 113 -15.95 -16.58 0.15
CA ALA B 113 -15.68 -15.14 0.31
C ALA B 113 -16.92 -14.42 0.81
N PHE B 114 -16.73 -13.54 1.80
CA PHE B 114 -17.79 -12.79 2.46
C PHE B 114 -17.22 -11.47 3.01
N TYR B 115 -18.10 -10.50 3.25
CA TYR B 115 -17.73 -9.21 3.80
C TYR B 115 -18.30 -9.13 5.18
N SER B 116 -17.56 -8.53 6.10
CA SER B 116 -17.95 -8.31 7.48
C SER B 116 -17.20 -7.12 8.05
N ASP B 117 -17.97 -6.20 8.65
CA ASP B 117 -17.52 -4.99 9.33
C ASP B 117 -16.19 -4.43 8.82
N GLY B 118 -16.21 -3.92 7.59
CA GLY B 118 -15.09 -3.26 6.94
C GLY B 118 -14.04 -4.13 6.27
N GLU B 119 -14.23 -5.46 6.29
CA GLU B 119 -13.26 -6.38 5.72
C GLU B 119 -13.88 -7.35 4.74
N ILE B 120 -13.24 -7.57 3.58
CA ILE B 120 -13.70 -8.69 2.78
C ILE B 120 -12.73 -9.84 3.11
N SER B 121 -13.29 -11.01 3.30
CA SER B 121 -12.55 -12.21 3.65
C SER B 121 -12.52 -13.15 2.48
N ILE B 122 -11.32 -13.65 2.14
CA ILE B 122 -11.14 -14.65 1.10
C ILE B 122 -10.56 -15.87 1.79
N CYS B 123 -11.38 -16.91 1.91
CA CYS B 123 -11.00 -18.12 2.62
C CYS B 123 -10.58 -19.19 1.68
N MET B 124 -9.36 -19.64 1.88
CA MET B 124 -8.81 -20.61 0.97
C MET B 124 -8.09 -21.74 1.66
N GLU B 125 -7.72 -22.74 0.85
CA GLU B 125 -6.95 -23.91 1.24
C GLU B 125 -5.63 -23.42 1.89
N HIS B 126 -5.28 -23.97 3.06
CA HIS B 126 -3.99 -23.64 3.68
C HIS B 126 -2.88 -24.47 2.98
N MET B 127 -1.87 -23.77 2.45
CA MET B 127 -0.72 -24.39 1.77
C MET B 127 0.45 -24.36 2.78
N ASP B 128 0.74 -25.53 3.39
CA ASP B 128 1.71 -25.65 4.48
C ASP B 128 3.16 -25.33 4.11
N GLY B 129 3.47 -25.24 2.82
CA GLY B 129 4.78 -24.86 2.34
C GLY B 129 4.96 -23.36 2.20
N GLY B 130 3.85 -22.62 2.34
CA GLY B 130 3.81 -21.16 2.19
C GLY B 130 4.05 -20.78 0.73
N SER B 131 4.49 -19.56 0.50
CA SER B 131 4.79 -19.06 -0.84
C SER B 131 6.26 -19.27 -1.22
N LEU B 132 6.56 -19.17 -2.50
CA LEU B 132 7.92 -19.38 -3.00
C LEU B 132 8.89 -18.31 -2.56
N ASP B 133 8.36 -17.14 -2.29
CA ASP B 133 9.01 -15.98 -1.72
C ASP B 133 9.67 -16.37 -0.37
N GLN B 134 8.88 -17.04 0.50
CA GLN B 134 9.26 -17.51 1.83
C GLN B 134 10.23 -18.67 1.72
N VAL B 135 9.98 -19.65 0.81
CA VAL B 135 10.92 -20.78 0.65
C VAL B 135 12.26 -20.31 0.07
N LEU B 136 12.26 -19.28 -0.79
CA LEU B 136 13.49 -18.72 -1.38
C LEU B 136 14.43 -18.19 -0.30
N LYS B 137 13.90 -17.59 0.78
CA LYS B 137 14.67 -17.07 1.91
C LYS B 137 15.47 -18.19 2.57
N LYS B 138 14.85 -19.37 2.73
CA LYS B 138 15.46 -20.55 3.33
C LYS B 138 16.42 -21.22 2.36
N ALA B 139 15.95 -21.49 1.11
CA ALA B 139 16.71 -22.15 0.05
C ALA B 139 17.95 -21.41 -0.43
N GLY B 140 17.89 -20.07 -0.40
CA GLY B 140 18.94 -19.19 -0.92
C GLY B 140 18.66 -18.95 -2.39
N ARG B 141 18.68 -20.04 -3.16
CA ARG B 141 18.36 -20.14 -4.58
C ARG B 141 17.52 -21.39 -4.71
N ILE B 142 16.57 -21.40 -5.64
CA ILE B 142 15.73 -22.57 -5.88
C ILE B 142 16.33 -23.31 -7.10
N PRO B 143 16.63 -24.64 -7.01
CA PRO B 143 17.24 -25.35 -8.15
C PRO B 143 16.46 -25.25 -9.45
N GLU B 144 17.20 -25.17 -10.56
CA GLU B 144 16.67 -25.09 -11.91
C GLU B 144 15.58 -26.15 -12.21
N GLN B 145 15.82 -27.41 -11.82
CA GLN B 145 14.91 -28.55 -11.98
C GLN B 145 13.62 -28.33 -11.23
N ILE B 146 13.69 -27.71 -10.02
CA ILE B 146 12.50 -27.39 -9.22
C ILE B 146 11.73 -26.29 -9.94
N LEU B 147 12.48 -25.29 -10.48
CA LEU B 147 11.91 -24.19 -11.25
C LEU B 147 11.25 -24.63 -12.56
N GLY B 148 11.62 -25.83 -13.04
CA GLY B 148 11.03 -26.47 -14.21
C GLY B 148 9.61 -26.91 -13.89
N LYS B 149 9.42 -27.46 -12.69
CA LYS B 149 8.11 -27.85 -12.15
C LYS B 149 7.27 -26.63 -11.83
N VAL B 150 7.90 -25.57 -11.27
CA VAL B 150 7.24 -24.30 -10.97
C VAL B 150 6.72 -23.72 -12.28
N SER B 151 7.59 -23.63 -13.32
CA SER B 151 7.23 -23.12 -14.66
C SER B 151 6.01 -23.81 -15.25
N ILE B 152 5.98 -25.17 -15.22
CA ILE B 152 4.88 -26.00 -15.73
C ILE B 152 3.56 -25.63 -15.02
N ALA B 153 3.59 -25.64 -13.67
CA ALA B 153 2.45 -25.32 -12.80
C ALA B 153 1.91 -23.90 -13.07
N VAL B 154 2.82 -22.91 -13.25
CA VAL B 154 2.42 -21.53 -13.54
C VAL B 154 1.78 -21.45 -14.94
N ILE B 155 2.41 -22.06 -15.97
CA ILE B 155 1.85 -22.04 -17.33
C ILE B 155 0.48 -22.72 -17.36
N LYS B 156 0.36 -23.89 -16.73
CA LYS B 156 -0.89 -24.65 -16.68
C LYS B 156 -1.99 -23.91 -15.93
N GLY B 157 -1.66 -23.28 -14.81
CA GLY B 157 -2.58 -22.47 -14.01
C GLY B 157 -3.09 -21.27 -14.80
N LEU B 158 -2.16 -20.54 -15.45
CA LEU B 158 -2.44 -19.39 -16.32
C LEU B 158 -3.32 -19.82 -17.49
N THR B 159 -3.04 -21.01 -18.07
CA THR B 159 -3.80 -21.59 -19.18
C THR B 159 -5.21 -21.94 -18.74
N TYR B 160 -5.35 -22.59 -17.57
CA TYR B 160 -6.65 -22.97 -17.03
C TYR B 160 -7.52 -21.70 -16.85
N LEU B 161 -6.95 -20.67 -16.19
CA LEU B 161 -7.63 -19.40 -15.92
C LEU B 161 -8.10 -18.71 -17.18
N ARG B 162 -7.22 -18.60 -18.19
CA ARG B 162 -7.50 -17.97 -19.48
C ARG B 162 -8.54 -18.78 -20.27
N GLU B 163 -8.31 -20.08 -20.47
CA GLU B 163 -9.19 -20.94 -21.26
C GLU B 163 -10.55 -21.24 -20.64
N LYS B 164 -10.58 -21.53 -19.33
CA LYS B 164 -11.85 -21.90 -18.71
C LYS B 164 -12.65 -20.73 -18.16
N HIS B 165 -12.00 -19.69 -17.63
CA HIS B 165 -12.73 -18.58 -16.99
C HIS B 165 -12.47 -17.21 -17.59
N LYS B 166 -11.68 -17.15 -18.69
CA LYS B 166 -11.35 -15.90 -19.37
C LYS B 166 -10.72 -14.84 -18.45
N ILE B 167 -10.04 -15.31 -17.39
CA ILE B 167 -9.38 -14.40 -16.45
C ILE B 167 -7.85 -14.43 -16.65
N MET B 168 -7.22 -13.27 -16.39
CA MET B 168 -5.77 -13.10 -16.40
C MET B 168 -5.36 -13.00 -14.95
N HIS B 169 -4.13 -13.40 -14.64
CA HIS B 169 -3.68 -13.37 -13.25
C HIS B 169 -3.49 -11.94 -12.73
N ARG B 170 -2.76 -11.11 -13.48
CA ARG B 170 -2.45 -9.70 -13.16
C ARG B 170 -1.47 -9.51 -11.99
N ASP B 171 -1.17 -10.57 -11.22
CA ASP B 171 -0.27 -10.39 -10.09
C ASP B 171 0.69 -11.59 -9.87
N VAL B 172 1.30 -12.09 -10.94
CA VAL B 172 2.22 -13.22 -10.85
C VAL B 172 3.51 -12.74 -10.20
N LYS B 173 3.95 -13.43 -9.13
CA LYS B 173 5.17 -13.12 -8.36
C LYS B 173 5.44 -14.24 -7.37
N PRO B 174 6.68 -14.40 -6.82
CA PRO B 174 6.94 -15.54 -5.92
C PRO B 174 5.98 -15.69 -4.76
N SER B 175 5.40 -14.57 -4.27
CA SER B 175 4.50 -14.60 -3.11
C SER B 175 3.10 -15.09 -3.47
N ASN B 176 2.81 -15.15 -4.78
CA ASN B 176 1.53 -15.61 -5.32
C ASN B 176 1.61 -17.03 -5.90
N ILE B 177 2.73 -17.73 -5.64
CA ILE B 177 2.89 -19.14 -6.03
C ILE B 177 3.04 -19.92 -4.69
N LEU B 178 2.05 -20.71 -4.32
CA LEU B 178 1.96 -21.49 -3.08
C LEU B 178 2.37 -22.93 -3.27
N VAL B 179 3.07 -23.47 -2.28
CA VAL B 179 3.56 -24.85 -2.33
C VAL B 179 3.13 -25.62 -1.06
N ASN B 180 3.12 -26.96 -1.12
CA ASN B 180 2.76 -27.77 0.04
C ASN B 180 3.62 -29.05 0.15
N SER B 181 3.52 -29.73 1.31
CA SER B 181 4.22 -30.95 1.66
C SER B 181 3.88 -32.15 0.78
N ARG B 182 2.80 -32.05 -0.02
CA ARG B 182 2.38 -33.09 -0.96
C ARG B 182 3.02 -32.83 -2.32
N GLY B 183 3.76 -31.73 -2.40
CA GLY B 183 4.47 -31.33 -3.60
C GLY B 183 3.64 -30.59 -4.63
N GLU B 184 2.51 -30.04 -4.20
CA GLU B 184 1.65 -29.29 -5.10
C GLU B 184 2.14 -27.85 -5.25
N ILE B 185 2.01 -27.29 -6.46
CA ILE B 185 2.38 -25.91 -6.79
C ILE B 185 1.11 -25.25 -7.29
N LYS B 186 0.68 -24.15 -6.64
CA LYS B 186 -0.61 -23.52 -6.95
C LYS B 186 -0.59 -22.00 -6.97
N LEU B 187 -1.34 -21.40 -7.90
CA LEU B 187 -1.46 -19.94 -7.99
C LEU B 187 -2.57 -19.46 -7.07
N CYS B 188 -2.45 -18.18 -6.62
CA CYS B 188 -3.42 -17.47 -5.76
C CYS B 188 -3.38 -16.02 -6.12
N ASP B 189 -4.35 -15.22 -5.63
CA ASP B 189 -4.38 -13.77 -5.81
C ASP B 189 -4.43 -13.30 -7.27
N PHE B 190 -5.18 -14.04 -8.11
CA PHE B 190 -5.40 -13.68 -9.51
C PHE B 190 -6.60 -12.74 -9.59
N GLY B 191 -6.61 -11.89 -10.62
CA GLY B 191 -7.60 -10.85 -10.82
C GLY B 191 -8.98 -11.30 -11.22
N VAL B 192 -9.61 -12.12 -10.37
CA VAL B 192 -10.96 -12.66 -10.58
C VAL B 192 -12.03 -11.54 -10.47
N SER B 193 -11.77 -10.50 -9.65
CA SER B 193 -12.72 -9.41 -9.44
C SER B 193 -12.26 -8.05 -9.95
N GLY B 194 -12.86 -7.58 -11.04
CA GLY B 194 -12.59 -6.26 -11.59
C GLY B 194 -12.88 -5.13 -10.61
N GLN B 195 -14.00 -5.25 -9.86
CA GLN B 195 -14.38 -4.26 -8.85
C GLN B 195 -13.41 -4.27 -7.66
N LEU B 196 -12.87 -5.45 -7.27
CA LEU B 196 -11.87 -5.49 -6.20
C LEU B 196 -10.59 -4.78 -6.63
N ILE B 197 -10.12 -5.00 -7.88
CA ILE B 197 -8.95 -4.31 -8.46
C ILE B 197 -9.20 -2.77 -8.40
N ASP B 198 -10.38 -2.31 -8.89
CA ASP B 198 -10.76 -0.88 -8.89
C ASP B 198 -10.82 -0.26 -7.49
N SER B 199 -11.44 -0.97 -6.51
CA SER B 199 -11.55 -0.50 -5.13
C SER B 199 -10.22 -0.46 -4.36
N MET B 200 -9.27 -1.36 -4.69
CA MET B 200 -7.95 -1.44 -4.04
C MET B 200 -6.91 -0.45 -4.64
N ALA B 201 -6.67 -0.53 -5.98
CA ALA B 201 -5.68 0.23 -6.79
C ALA B 201 -5.34 1.63 -6.27
N GLY B 206 6.19 -0.73 -6.01
CA GLY B 206 6.75 -0.62 -4.67
C GLY B 206 8.25 -0.44 -4.67
N THR B 207 8.96 -1.22 -3.80
CA THR B 207 10.44 -1.24 -3.72
C THR B 207 10.91 -2.21 -4.83
N ARG B 208 10.06 -3.21 -5.15
CA ARG B 208 10.22 -4.18 -6.24
C ARG B 208 8.93 -4.13 -7.07
N SER B 209 8.99 -4.56 -8.33
CA SER B 209 7.84 -4.61 -9.24
C SER B 209 8.00 -5.74 -10.24
N TYR B 210 6.91 -6.45 -10.50
CA TYR B 210 6.90 -7.57 -11.42
C TYR B 210 6.07 -7.24 -12.66
N MET B 211 5.59 -5.97 -12.75
CA MET B 211 4.77 -5.44 -13.84
C MET B 211 5.62 -5.33 -15.09
N SER B 212 5.02 -5.74 -16.24
CA SER B 212 5.68 -5.70 -17.53
C SER B 212 5.99 -4.26 -17.95
N PRO B 213 7.02 -3.99 -18.79
CA PRO B 213 7.29 -2.60 -19.22
C PRO B 213 6.05 -1.94 -19.86
N GLU B 214 5.23 -2.69 -20.63
CA GLU B 214 4.04 -2.10 -21.25
C GLU B 214 2.94 -1.79 -20.25
N ARG B 215 2.75 -2.65 -19.24
CA ARG B 215 1.77 -2.43 -18.17
C ARG B 215 2.10 -1.15 -17.35
N LEU B 216 3.42 -0.90 -17.11
CA LEU B 216 3.90 0.30 -16.39
C LEU B 216 3.59 1.58 -17.17
N GLN B 217 3.55 1.49 -18.53
CA GLN B 217 3.28 2.61 -19.45
C GLN B 217 1.79 2.80 -19.74
N GLY B 218 0.93 1.94 -19.16
CA GLY B 218 -0.51 2.06 -19.30
C GLY B 218 -1.23 1.04 -20.14
N THR B 219 -0.52 0.08 -20.72
CA THR B 219 -1.16 -0.95 -21.53
C THR B 219 -2.12 -1.80 -20.67
N HIS B 220 -3.32 -2.06 -21.25
CA HIS B 220 -4.38 -2.91 -20.72
C HIS B 220 -3.76 -4.27 -20.48
N TYR B 221 -4.14 -4.91 -19.36
CA TYR B 221 -3.62 -6.21 -19.00
C TYR B 221 -3.84 -7.28 -20.08
N SER B 222 -2.79 -8.06 -20.38
CA SER B 222 -2.75 -9.17 -21.35
C SER B 222 -2.02 -10.34 -20.69
N VAL B 223 -2.23 -11.56 -21.19
CA VAL B 223 -1.53 -12.76 -20.70
C VAL B 223 0.01 -12.57 -20.87
N GLN B 224 0.41 -11.71 -21.85
CA GLN B 224 1.80 -11.37 -22.13
C GLN B 224 2.47 -10.72 -20.94
N SER B 225 1.69 -9.93 -20.17
CA SER B 225 2.16 -9.27 -18.97
C SER B 225 2.41 -10.32 -17.90
N ASP B 226 1.54 -11.35 -17.80
CA ASP B 226 1.66 -12.47 -16.86
C ASP B 226 2.90 -13.30 -17.17
N ILE B 227 3.23 -13.47 -18.49
CA ILE B 227 4.43 -14.18 -19.01
C ILE B 227 5.66 -13.43 -18.53
N TRP B 228 5.66 -12.09 -18.63
CA TRP B 228 6.75 -11.23 -18.15
C TRP B 228 6.97 -11.43 -16.65
N SER B 229 5.90 -11.26 -15.86
CA SER B 229 5.98 -11.43 -14.41
C SER B 229 6.55 -12.82 -14.03
N MET B 230 6.10 -13.88 -14.74
CA MET B 230 6.58 -15.25 -14.55
C MET B 230 8.07 -15.33 -14.83
N GLY B 231 8.51 -14.82 -15.98
CA GLY B 231 9.92 -14.80 -16.34
C GLY B 231 10.80 -14.15 -15.28
N LEU B 232 10.40 -12.94 -14.83
CA LEU B 232 11.14 -12.18 -13.80
C LEU B 232 11.26 -12.99 -12.49
N SER B 233 10.12 -13.57 -12.05
CA SER B 233 9.99 -14.38 -10.84
C SER B 233 10.96 -15.57 -10.93
N LEU B 234 11.05 -16.20 -12.13
CA LEU B 234 11.95 -17.33 -12.36
C LEU B 234 13.42 -16.95 -12.20
N VAL B 235 13.85 -15.82 -12.80
CA VAL B 235 15.23 -15.30 -12.71
C VAL B 235 15.55 -15.01 -11.25
N GLU B 236 14.64 -14.32 -10.53
CA GLU B 236 14.80 -14.00 -9.10
C GLU B 236 15.00 -15.28 -8.26
N MET B 237 14.12 -16.29 -8.41
CA MET B 237 14.19 -17.57 -7.69
C MET B 237 15.43 -18.39 -8.05
N ALA B 238 15.90 -18.25 -9.31
CA ALA B 238 17.11 -18.92 -9.79
C ALA B 238 18.39 -18.31 -9.20
N VAL B 239 18.48 -16.96 -9.09
CA VAL B 239 19.70 -16.30 -8.57
C VAL B 239 19.61 -15.87 -7.08
N GLY B 240 18.45 -16.04 -6.47
CA GLY B 240 18.26 -15.74 -5.06
C GLY B 240 18.01 -14.27 -4.74
N ARG B 241 17.89 -13.42 -5.76
CA ARG B 241 17.67 -11.99 -5.53
C ARG B 241 16.88 -11.35 -6.65
N TYR B 242 16.17 -10.26 -6.35
CA TYR B 242 15.40 -9.49 -7.32
C TYR B 242 16.44 -8.99 -8.34
N PRO B 243 16.31 -9.39 -9.64
CA PRO B 243 17.38 -9.12 -10.61
C PRO B 243 17.42 -7.74 -11.27
N ILE B 244 16.38 -6.92 -11.07
CA ILE B 244 16.31 -5.63 -11.74
C ILE B 244 17.14 -4.56 -11.05
N GLY B 245 17.78 -3.75 -11.89
CA GLY B 245 18.53 -2.59 -11.48
C GLY B 245 19.81 -2.89 -10.76
N MET B 251 16.81 1.09 -3.86
CA MET B 251 16.35 1.61 -5.15
C MET B 251 15.06 2.43 -5.07
N ALA B 252 15.11 3.67 -5.57
CA ALA B 252 13.96 4.59 -5.59
C ALA B 252 12.91 4.16 -6.61
N ILE B 253 11.67 4.65 -6.41
CA ILE B 253 10.44 4.34 -7.16
C ILE B 253 10.64 4.51 -8.67
N PHE B 254 10.93 5.73 -9.10
CA PHE B 254 11.12 6.04 -10.51
C PHE B 254 12.37 5.34 -11.07
N GLU B 255 13.44 5.26 -10.27
CA GLU B 255 14.70 4.62 -10.60
C GLU B 255 14.44 3.15 -11.02
N LEU B 256 13.70 2.41 -10.19
CA LEU B 256 13.34 1.03 -10.43
C LEU B 256 12.53 0.91 -11.76
N LEU B 257 11.43 1.65 -11.87
CA LEU B 257 10.54 1.60 -13.04
C LEU B 257 11.19 2.07 -14.34
N ASP B 258 12.11 3.04 -14.25
CA ASP B 258 12.86 3.53 -15.42
C ASP B 258 13.77 2.43 -15.92
N TYR B 259 14.32 1.62 -15.00
CA TYR B 259 15.18 0.51 -15.37
C TYR B 259 14.39 -0.58 -16.13
N ILE B 260 13.21 -0.97 -15.61
CA ILE B 260 12.32 -1.95 -16.25
C ILE B 260 11.91 -1.47 -17.67
N VAL B 261 11.45 -0.21 -17.80
CA VAL B 261 10.97 0.34 -19.05
C VAL B 261 12.08 0.67 -20.08
N ASN B 262 13.20 1.29 -19.64
CA ASN B 262 14.21 1.79 -20.56
C ASN B 262 15.52 1.04 -20.59
N GLU B 263 15.69 -0.01 -19.77
CA GLU B 263 16.92 -0.80 -19.80
C GLU B 263 16.68 -2.25 -20.21
N PRO B 264 17.70 -2.98 -20.74
CA PRO B 264 17.47 -4.39 -21.14
C PRO B 264 16.88 -5.27 -20.03
N PRO B 265 16.03 -6.27 -20.41
CA PRO B 265 15.52 -7.21 -19.39
C PRO B 265 16.66 -7.97 -18.70
N PRO B 266 16.49 -8.48 -17.46
CA PRO B 266 17.59 -9.23 -16.84
C PRO B 266 17.80 -10.58 -17.52
N LYS B 267 19.04 -11.08 -17.43
CA LYS B 267 19.49 -12.35 -17.99
C LYS B 267 19.97 -13.24 -16.86
N LEU B 268 19.74 -14.55 -17.00
CA LEU B 268 20.22 -15.57 -16.10
C LEU B 268 21.75 -15.62 -16.32
N PRO B 269 22.58 -15.72 -15.24
CA PRO B 269 24.04 -15.78 -15.45
C PRO B 269 24.45 -17.04 -16.21
N SER B 270 25.51 -16.91 -17.00
CA SER B 270 26.01 -18.04 -17.77
C SER B 270 26.95 -18.90 -16.93
N GLY B 271 27.04 -20.18 -17.24
CA GLY B 271 27.95 -21.05 -16.51
C GLY B 271 27.35 -22.05 -15.55
N VAL B 272 26.18 -21.73 -14.96
CA VAL B 272 25.54 -22.61 -13.99
C VAL B 272 24.07 -22.95 -14.37
N PHE B 273 23.49 -22.27 -15.39
CA PHE B 273 22.12 -22.58 -15.87
C PHE B 273 22.15 -23.14 -17.27
N SER B 274 21.22 -24.07 -17.58
CA SER B 274 21.16 -24.66 -18.92
C SER B 274 20.76 -23.63 -19.97
N LEU B 275 21.14 -23.88 -21.21
CA LEU B 275 20.84 -23.05 -22.39
C LEU B 275 19.33 -22.97 -22.64
N GLU B 276 18.59 -24.06 -22.33
CA GLU B 276 17.14 -24.20 -22.51
C GLU B 276 16.41 -23.32 -21.52
N PHE B 277 16.91 -23.26 -20.26
CA PHE B 277 16.35 -22.43 -19.18
C PHE B 277 16.65 -20.97 -19.48
N GLN B 278 17.88 -20.65 -19.91
CA GLN B 278 18.27 -19.29 -20.32
C GLN B 278 17.38 -18.79 -21.46
N ASP B 279 17.17 -19.64 -22.48
CA ASP B 279 16.32 -19.31 -23.61
C ASP B 279 14.84 -19.14 -23.21
N PHE B 280 14.35 -19.98 -22.26
CA PHE B 280 12.97 -19.92 -21.77
C PHE B 280 12.67 -18.56 -21.12
N VAL B 281 13.53 -18.13 -20.15
CA VAL B 281 13.34 -16.87 -19.45
C VAL B 281 13.55 -15.68 -20.43
N ASN B 282 14.48 -15.83 -21.40
CA ASN B 282 14.70 -14.79 -22.41
C ASN B 282 13.44 -14.55 -23.20
N LYS B 283 12.76 -15.63 -23.65
CA LYS B 283 11.52 -15.52 -24.41
C LYS B 283 10.35 -14.92 -23.57
N CYS B 284 10.35 -15.11 -22.22
CA CYS B 284 9.37 -14.51 -21.29
C CYS B 284 9.65 -13.03 -21.10
N LEU B 285 10.94 -12.63 -21.13
CA LEU B 285 11.35 -11.26 -20.82
C LEU B 285 11.58 -10.34 -22.04
N ILE B 286 11.12 -10.73 -23.24
CA ILE B 286 11.27 -9.85 -24.41
C ILE B 286 10.48 -8.55 -24.13
N LYS B 287 11.12 -7.38 -24.25
CA LYS B 287 10.46 -6.10 -23.95
C LYS B 287 9.15 -5.94 -24.72
N ASN B 288 9.20 -6.14 -26.06
CA ASN B 288 8.05 -6.04 -26.95
C ASN B 288 7.08 -7.20 -26.70
N PRO B 289 5.84 -6.89 -26.26
CA PRO B 289 4.87 -7.97 -25.97
C PRO B 289 4.49 -8.83 -27.19
N ALA B 290 4.61 -8.27 -28.41
CA ALA B 290 4.32 -8.99 -29.66
C ALA B 290 5.38 -10.07 -29.96
N GLU B 291 6.67 -9.81 -29.63
CA GLU B 291 7.78 -10.73 -29.87
C GLU B 291 7.97 -11.70 -28.73
N ARG B 292 7.43 -11.33 -27.57
CA ARG B 292 7.41 -12.13 -26.35
C ARG B 292 6.62 -13.42 -26.60
N ALA B 293 7.07 -14.53 -25.99
CA ALA B 293 6.41 -15.83 -26.12
C ALA B 293 5.02 -15.83 -25.48
N ASP B 294 4.10 -16.61 -26.04
CA ASP B 294 2.75 -16.75 -25.50
C ASP B 294 2.69 -18.08 -24.73
N LEU B 295 1.55 -18.43 -24.10
CA LEU B 295 1.41 -19.65 -23.30
C LEU B 295 1.53 -20.95 -24.12
N LYS B 296 1.04 -20.94 -25.36
CA LYS B 296 1.08 -22.08 -26.28
C LYS B 296 2.53 -22.39 -26.65
N GLN B 297 3.31 -21.34 -27.04
CA GLN B 297 4.71 -21.51 -27.40
C GLN B 297 5.52 -21.96 -26.20
N LEU B 298 5.27 -21.38 -25.00
CA LEU B 298 5.99 -21.75 -23.80
C LEU B 298 5.76 -23.20 -23.38
N MET B 299 4.57 -23.74 -23.66
CA MET B 299 4.18 -25.09 -23.31
C MET B 299 4.97 -26.17 -24.10
N VAL B 300 5.47 -25.81 -25.29
CA VAL B 300 6.23 -26.70 -26.17
C VAL B 300 7.72 -26.29 -26.24
N HIS B 301 8.13 -25.33 -25.38
CA HIS B 301 9.53 -24.91 -25.28
C HIS B 301 10.37 -26.08 -24.74
N ALA B 302 11.61 -26.23 -25.23
CA ALA B 302 12.55 -27.29 -24.82
C ALA B 302 12.64 -27.42 -23.30
N PHE B 303 12.66 -26.28 -22.60
CA PHE B 303 12.77 -26.21 -21.15
C PHE B 303 11.58 -26.83 -20.49
N ILE B 304 10.39 -26.65 -21.05
CA ILE B 304 9.18 -27.27 -20.47
C ILE B 304 9.16 -28.77 -20.79
N LYS B 305 9.44 -29.13 -22.05
CA LYS B 305 9.47 -30.51 -22.52
C LYS B 305 10.45 -31.34 -21.70
N ARG B 306 11.65 -30.77 -21.40
CA ARG B 306 12.69 -31.43 -20.60
C ARG B 306 12.21 -31.65 -19.17
N SER B 307 11.76 -30.56 -18.52
CA SER B 307 11.25 -30.48 -17.16
C SER B 307 10.07 -31.40 -16.90
N ASP B 308 9.15 -31.55 -17.89
CA ASP B 308 7.98 -32.43 -17.77
C ASP B 308 8.34 -33.92 -17.76
N ALA B 309 9.45 -34.27 -18.42
CA ALA B 309 9.92 -35.65 -18.48
C ALA B 309 10.73 -36.04 -17.23
N GLU B 310 11.26 -35.05 -16.48
CA GLU B 310 12.09 -35.27 -15.28
C GLU B 310 11.28 -35.73 -14.06
N GLU B 311 11.80 -36.72 -13.37
CA GLU B 311 11.24 -37.25 -12.13
C GLU B 311 11.96 -36.47 -11.03
N VAL B 312 11.31 -35.42 -10.54
CA VAL B 312 11.85 -34.55 -9.52
C VAL B 312 10.96 -34.77 -8.33
N ASP B 313 11.59 -35.02 -7.16
CA ASP B 313 10.87 -35.21 -5.90
C ASP B 313 10.74 -33.83 -5.24
N PHE B 314 9.88 -32.99 -5.82
CA PHE B 314 9.65 -31.64 -5.33
C PHE B 314 9.20 -31.64 -3.86
N ALA B 315 8.28 -32.56 -3.47
CA ALA B 315 7.77 -32.71 -2.10
C ALA B 315 8.91 -33.02 -1.15
N GLY B 316 9.85 -33.89 -1.54
CA GLY B 316 11.02 -34.26 -0.77
C GLY B 316 11.98 -33.09 -0.58
N TRP B 317 12.31 -32.38 -1.67
CA TRP B 317 13.17 -31.20 -1.66
C TRP B 317 12.57 -30.07 -0.77
N LEU B 318 11.25 -29.83 -0.90
CA LEU B 318 10.56 -28.78 -0.16
C LEU B 318 10.60 -29.08 1.35
N CYS B 319 10.26 -30.33 1.71
CA CYS B 319 10.24 -30.75 3.10
C CYS B 319 11.62 -30.72 3.74
N SER B 320 12.69 -31.00 2.98
CA SER B 320 14.04 -30.92 3.54
C SER B 320 14.58 -29.48 3.64
N THR B 321 14.29 -28.59 2.67
CA THR B 321 14.81 -27.22 2.75
C THR B 321 14.05 -26.32 3.75
N ILE B 322 12.74 -26.53 3.96
CA ILE B 322 12.02 -25.66 4.91
C ILE B 322 11.64 -26.40 6.22
N GLY B 323 12.03 -27.67 6.35
CA GLY B 323 11.78 -28.51 7.52
C GLY B 323 10.32 -28.76 7.80
N LEU B 324 9.55 -29.16 6.75
CA LEU B 324 8.11 -29.39 6.81
C LEU B 324 7.69 -30.77 7.31
N ASN B 325 8.47 -31.81 6.98
CA ASN B 325 8.15 -33.17 7.42
C ASN B 325 9.23 -33.77 8.32
#